data_1TD2
#
_entry.id   1TD2
#
_cell.length_a   63.130
_cell.length_b   67.375
_cell.length_c   73.589
_cell.angle_alpha   90.00
_cell.angle_beta   93.67
_cell.angle_gamma   90.00
#
_symmetry.space_group_name_H-M   'P 1 21 1'
#
loop_
_entity.id
_entity.type
_entity.pdbx_description
1 polymer 'Pyridoxamine kinase'
2 non-polymer 3-HYDROXY-5-(HYDROXYMETHYL)-2-METHYLISONICOTINALDEHYDE
3 non-polymer 'SULFATE ION'
4 water water
#
_entity_poly.entity_id   1
_entity_poly.type   'polypeptide(L)'
_entity_poly.pdbx_seq_one_letter_code
;MMKNILAIQSHVVYGHAGNSAAEFPMRRLGANVWPLNTVQFSNHTQYGKWTGCVMPPSHLTEIVQGIAAIDKLHTCDAVL
SGYLGSAEQGEHILGIVRQVKAANPQAKYFCDPVMGHPEKGCIVAPGVAEFHVRHGLPASDIIAPNLVELEILCEHAVNN
VEEAVLAARELIAQGPQIVLVKHLARAGYSRDRFEMLLVTADEAWHISRPLVDFGMRQPVGVGDVTSGLLLVKLLQGATL
QEALEHVTAAVYEIMVTTKAMQEYELQVVAAQDRIAKPEHYFSATKL
;
_entity_poly.pdbx_strand_id   A,B
#
# COMPACT_ATOMS: atom_id res chain seq x y z
N MET A 1 10.98 -7.34 17.74
CA MET A 1 10.31 -7.86 16.52
C MET A 1 9.27 -6.87 16.00
N MET A 2 9.39 -6.52 14.72
CA MET A 2 8.44 -5.60 14.11
C MET A 2 7.08 -6.24 14.23
N LYS A 3 6.03 -5.43 14.35
CA LYS A 3 4.69 -5.97 14.51
C LYS A 3 3.97 -6.18 13.17
N ASN A 4 3.19 -7.24 13.09
CA ASN A 4 2.47 -7.57 11.86
C ASN A 4 0.97 -7.52 12.03
N ILE A 5 0.33 -6.80 11.12
CA ILE A 5 -1.12 -6.61 11.19
C ILE A 5 -1.81 -7.04 9.91
N LEU A 6 -2.75 -7.98 10.04
CA LEU A 6 -3.51 -8.43 8.90
C LEU A 6 -4.71 -7.46 8.89
N ALA A 7 -4.71 -6.51 7.94
CA ALA A 7 -5.78 -5.49 7.84
C ALA A 7 -6.74 -5.74 6.67
N ILE A 8 -7.98 -6.10 7.03
CA ILE A 8 -9.04 -6.42 6.08
C ILE A 8 -10.05 -5.29 5.94
N GLN A 9 -9.88 -4.50 4.90
CA GLN A 9 -10.75 -3.38 4.61
C GLN A 9 -10.46 -2.96 3.17
N SER A 10 -11.16 -1.93 2.73
CA SER A 10 -11.09 -1.44 1.35
C SER A 10 -9.77 -0.94 0.80
N HIS A 11 -9.72 -0.90 -0.53
CA HIS A 11 -8.60 -0.36 -1.28
C HIS A 11 -9.18 0.52 -2.39
N VAL A 12 -8.66 1.73 -2.51
CA VAL A 12 -9.08 2.65 -3.55
C VAL A 12 -7.81 2.92 -4.33
N VAL A 13 -7.92 2.93 -5.66
CA VAL A 13 -6.75 3.14 -6.51
C VAL A 13 -6.37 4.59 -6.49
N TYR A 14 -7.34 5.47 -6.64
CA TYR A 14 -7.04 6.89 -6.55
C TYR A 14 -7.54 7.29 -5.19
N GLY A 15 -6.77 8.12 -4.48
CA GLY A 15 -7.23 8.58 -3.18
C GLY A 15 -6.92 7.70 -1.99
N HIS A 16 -7.46 8.10 -0.85
CA HIS A 16 -7.22 7.40 0.40
C HIS A 16 -8.48 7.12 1.18
N ALA A 17 -8.59 5.87 1.64
CA ALA A 17 -9.72 5.38 2.40
C ALA A 17 -9.43 3.90 2.66
N GLY A 18 -9.86 3.39 3.83
CA GLY A 18 -9.62 1.98 4.14
C GLY A 18 -8.14 1.74 4.20
N ASN A 19 -7.67 0.61 3.65
CA ASN A 19 -6.25 0.31 3.65
C ASN A 19 -5.47 1.37 2.91
N SER A 20 -6.12 2.03 1.94
CA SER A 20 -5.39 3.03 1.14
C SER A 20 -5.09 4.30 1.93
N ALA A 21 -5.73 4.42 3.09
CA ALA A 21 -5.52 5.56 3.96
C ALA A 21 -4.68 5.16 5.16
N ALA A 22 -4.89 3.94 5.63
CA ALA A 22 -4.19 3.47 6.82
C ALA A 22 -2.85 2.81 6.62
N GLU A 23 -2.67 2.08 5.52
CA GLU A 23 -1.44 1.36 5.26
C GLU A 23 -0.16 2.15 5.32
N PHE A 24 -0.08 3.25 4.58
CA PHE A 24 1.14 4.05 4.56
C PHE A 24 1.48 4.60 5.96
N PRO A 25 0.53 5.26 6.63
CA PRO A 25 0.88 5.77 7.96
C PRO A 25 1.35 4.69 8.95
N MET A 26 0.75 3.50 8.88
CA MET A 26 1.08 2.38 9.77
C MET A 26 2.49 1.86 9.55
N ARG A 27 2.88 1.77 8.29
CA ARG A 27 4.19 1.32 7.95
C ARG A 27 5.18 2.43 8.30
N ARG A 28 4.75 3.68 8.14
CA ARG A 28 5.57 4.86 8.44
C ARG A 28 5.99 4.83 9.89
N LEU A 29 5.11 4.30 10.72
CA LEU A 29 5.38 4.20 12.14
C LEU A 29 6.14 2.91 12.48
N GLY A 30 6.56 2.16 11.47
CA GLY A 30 7.35 0.97 11.74
C GLY A 30 6.66 -0.37 11.92
N ALA A 31 5.41 -0.46 11.47
CA ALA A 31 4.74 -1.73 11.58
C ALA A 31 4.54 -2.26 10.18
N ASN A 32 4.39 -3.58 10.09
CA ASN A 32 4.11 -4.25 8.81
C ASN A 32 2.59 -4.37 8.71
N VAL A 33 2.10 -4.26 7.50
CA VAL A 33 0.69 -4.38 7.23
C VAL A 33 0.50 -5.35 6.07
N TRP A 34 -0.32 -6.37 6.29
CA TRP A 34 -0.64 -7.33 5.25
C TRP A 34 -2.00 -6.86 4.77
N PRO A 35 -2.05 -6.17 3.63
CA PRO A 35 -3.39 -5.71 3.25
C PRO A 35 -4.25 -6.67 2.44
N LEU A 36 -5.30 -7.17 3.10
CA LEU A 36 -6.25 -8.07 2.48
C LEU A 36 -7.44 -7.15 2.10
N ASN A 37 -7.37 -6.58 0.91
CA ASN A 37 -8.37 -5.64 0.40
C ASN A 37 -9.76 -6.25 0.16
N THR A 38 -10.78 -5.69 0.81
CA THR A 38 -12.14 -6.21 0.67
C THR A 38 -12.81 -5.79 -0.65
N VAL A 39 -12.20 -4.81 -1.32
CA VAL A 39 -12.70 -4.33 -2.62
C VAL A 39 -11.54 -3.59 -3.28
N GLN A 40 -11.66 -3.36 -4.58
CA GLN A 40 -10.71 -2.54 -5.31
C GLN A 40 -11.59 -1.58 -6.07
N PHE A 41 -11.69 -0.36 -5.56
CA PHE A 41 -12.49 0.71 -6.14
C PHE A 41 -11.61 1.83 -6.72
N SER A 42 -12.14 2.50 -7.74
CA SER A 42 -11.45 3.61 -8.38
C SER A 42 -11.21 4.74 -7.41
N ASN A 43 -12.18 5.01 -6.56
CA ASN A 43 -12.07 6.08 -5.58
C ASN A 43 -13.01 5.68 -4.48
N HIS A 44 -13.06 6.48 -3.41
CA HIS A 44 -13.93 6.19 -2.27
C HIS A 44 -15.42 6.54 -2.56
N THR A 45 -16.34 5.87 -1.88
CA THR A 45 -17.75 6.08 -2.18
C THR A 45 -18.33 7.46 -1.94
N GLN A 46 -17.62 8.34 -1.25
CA GLN A 46 -18.22 9.64 -1.01
C GLN A 46 -18.14 10.65 -2.16
N TYR A 47 -17.56 10.22 -3.29
CA TYR A 47 -17.52 11.08 -4.48
C TYR A 47 -18.91 10.93 -5.13
N GLY A 48 -19.69 10.01 -4.60
CA GLY A 48 -21.02 9.77 -5.11
C GLY A 48 -20.98 8.78 -6.25
N LYS A 49 -19.78 8.47 -6.75
CA LYS A 49 -19.62 7.52 -7.85
C LYS A 49 -18.26 6.84 -7.82
N TRP A 50 -18.21 5.62 -8.35
CA TRP A 50 -16.98 4.84 -8.37
C TRP A 50 -17.19 3.58 -9.18
N THR A 51 -16.08 2.95 -9.54
CA THR A 51 -16.17 1.70 -10.27
C THR A 51 -15.25 0.75 -9.52
N GLY A 52 -15.16 -0.47 -10.04
CA GLY A 52 -14.33 -1.47 -9.40
C GLY A 52 -15.15 -2.62 -8.90
N CYS A 53 -14.60 -3.39 -7.98
CA CYS A 53 -15.33 -4.54 -7.50
C CYS A 53 -15.12 -4.90 -6.03
N VAL A 54 -16.02 -5.75 -5.54
CA VAL A 54 -15.96 -6.24 -4.17
C VAL A 54 -15.27 -7.58 -4.31
N MET A 55 -14.48 -7.98 -3.33
CA MET A 55 -13.82 -9.28 -3.36
C MET A 55 -14.81 -10.27 -2.79
N PRO A 56 -14.91 -11.47 -3.39
CA PRO A 56 -15.87 -12.42 -2.84
C PRO A 56 -15.48 -12.92 -1.46
N PRO A 57 -16.45 -13.10 -0.57
CA PRO A 57 -16.14 -13.58 0.79
C PRO A 57 -15.14 -14.73 0.80
N SER A 58 -15.39 -15.75 0.00
CA SER A 58 -14.49 -16.88 -0.05
C SER A 58 -13.05 -16.46 -0.39
N HIS A 59 -12.90 -15.39 -1.18
CA HIS A 59 -11.57 -14.88 -1.54
C HIS A 59 -10.74 -14.52 -0.30
N LEU A 60 -11.40 -13.87 0.65
CA LEU A 60 -10.75 -13.46 1.88
C LEU A 60 -10.23 -14.69 2.63
N THR A 61 -11.04 -15.73 2.67
CA THR A 61 -10.62 -16.94 3.35
C THR A 61 -9.49 -17.65 2.61
N GLU A 62 -9.58 -17.78 1.29
CA GLU A 62 -8.52 -18.51 0.61
C GLU A 62 -7.19 -17.79 0.71
N ILE A 63 -7.20 -16.46 0.78
CA ILE A 63 -5.95 -15.71 0.93
C ILE A 63 -5.28 -16.14 2.24
N VAL A 64 -6.05 -16.20 3.31
CA VAL A 64 -5.48 -16.57 4.59
C VAL A 64 -4.99 -18.03 4.59
N GLN A 65 -5.74 -18.92 3.92
CA GLN A 65 -5.33 -20.32 3.79
C GLN A 65 -3.95 -20.29 3.14
N GLY A 66 -3.75 -19.35 2.24
CA GLY A 66 -2.47 -19.23 1.56
C GLY A 66 -1.35 -18.89 2.52
N ILE A 67 -1.59 -17.94 3.41
CA ILE A 67 -0.59 -17.51 4.35
C ILE A 67 -0.31 -18.65 5.34
N ALA A 68 -1.35 -19.41 5.67
CA ALA A 68 -1.19 -20.58 6.55
C ALA A 68 -0.27 -21.60 5.87
N ALA A 69 -0.55 -21.88 4.60
CA ALA A 69 0.20 -22.80 3.78
C ALA A 69 1.71 -22.56 3.83
N ILE A 70 2.12 -21.30 3.85
CA ILE A 70 3.56 -21.03 3.92
C ILE A 70 4.03 -20.88 5.36
N ASP A 71 3.16 -21.23 6.30
CA ASP A 71 3.48 -21.19 7.71
C ASP A 71 3.80 -19.82 8.24
N LYS A 72 3.00 -18.82 7.87
CA LYS A 72 3.30 -17.49 8.36
C LYS A 72 2.24 -16.89 9.25
N LEU A 73 1.06 -17.51 9.25
CA LEU A 73 -0.05 -17.03 10.06
C LEU A 73 0.35 -16.77 11.49
N HIS A 74 1.19 -17.63 12.04
CA HIS A 74 1.57 -17.46 13.43
C HIS A 74 2.35 -16.16 13.71
N THR A 75 2.84 -15.52 12.66
CA THR A 75 3.55 -14.26 12.87
C THR A 75 2.56 -13.08 12.92
N CYS A 76 1.30 -13.32 12.58
CA CYS A 76 0.32 -12.24 12.61
C CYS A 76 0.06 -11.83 14.06
N ASP A 77 0.12 -10.54 14.34
CA ASP A 77 -0.11 -10.07 15.71
C ASP A 77 -1.51 -9.54 15.95
N ALA A 78 -2.18 -9.15 14.87
CA ALA A 78 -3.53 -8.65 14.99
C ALA A 78 -4.24 -8.70 13.65
N VAL A 79 -5.55 -8.84 13.73
CA VAL A 79 -6.40 -8.81 12.55
C VAL A 79 -7.21 -7.52 12.71
N LEU A 80 -7.19 -6.66 11.70
CA LEU A 80 -7.97 -5.43 11.75
C LEU A 80 -8.98 -5.43 10.64
N SER A 81 -10.23 -5.13 10.96
CA SER A 81 -11.24 -5.06 9.90
C SER A 81 -11.82 -3.66 9.91
N GLY A 82 -12.24 -3.17 8.75
CA GLY A 82 -12.84 -1.85 8.67
C GLY A 82 -13.98 -1.94 7.70
N TYR A 83 -13.94 -1.15 6.65
CA TYR A 83 -14.98 -1.16 5.63
C TYR A 83 -15.06 -2.53 4.94
N LEU A 84 -16.25 -3.12 4.97
CA LEU A 84 -16.51 -4.43 4.35
C LEU A 84 -17.34 -4.21 3.09
N GLY A 85 -17.04 -4.98 2.06
CA GLY A 85 -17.76 -4.86 0.81
C GLY A 85 -19.14 -5.50 0.86
N SER A 86 -19.32 -6.42 1.80
CA SER A 86 -20.58 -7.09 1.94
C SER A 86 -20.77 -7.67 3.32
N ALA A 87 -21.99 -8.09 3.61
CA ALA A 87 -22.32 -8.66 4.91
C ALA A 87 -21.64 -10.02 5.11
N GLU A 88 -21.62 -10.85 4.08
CA GLU A 88 -21.00 -12.15 4.27
C GLU A 88 -19.48 -12.10 4.47
N GLN A 89 -18.85 -10.98 4.13
CA GLN A 89 -17.40 -10.91 4.33
C GLN A 89 -17.14 -10.98 5.82
N GLY A 90 -18.07 -10.41 6.57
CA GLY A 90 -17.95 -10.42 8.02
C GLY A 90 -17.76 -11.82 8.54
N GLU A 91 -18.67 -12.73 8.21
CA GLU A 91 -18.57 -14.10 8.66
C GLU A 91 -17.21 -14.71 8.35
N HIS A 92 -16.73 -14.50 7.14
CA HIS A 92 -15.44 -15.06 6.78
C HIS A 92 -14.33 -14.47 7.63
N ILE A 93 -14.41 -13.17 7.90
CA ILE A 93 -13.43 -12.49 8.72
C ILE A 93 -13.35 -13.14 10.12
N LEU A 94 -14.50 -13.47 10.70
CA LEU A 94 -14.46 -14.11 12.00
C LEU A 94 -13.84 -15.51 11.91
N GLY A 95 -13.90 -16.11 10.72
CA GLY A 95 -13.30 -17.42 10.54
C GLY A 95 -11.78 -17.21 10.51
N ILE A 96 -11.38 -16.10 9.89
CA ILE A 96 -9.97 -15.68 9.75
C ILE A 96 -9.37 -15.38 11.12
N VAL A 97 -10.12 -14.65 11.95
CA VAL A 97 -9.69 -14.32 13.31
C VAL A 97 -9.50 -15.59 14.17
N ARG A 98 -10.38 -16.57 14.02
CA ARG A 98 -10.23 -17.82 14.78
C ARG A 98 -9.01 -18.57 14.26
N GLN A 99 -8.80 -18.50 12.95
CA GLN A 99 -7.66 -19.21 12.37
C GLN A 99 -6.36 -18.56 12.84
N VAL A 100 -6.32 -17.23 12.83
CA VAL A 100 -5.11 -16.52 13.26
C VAL A 100 -4.86 -16.73 14.76
N LYS A 101 -5.94 -16.76 15.54
CA LYS A 101 -5.79 -16.95 16.96
C LYS A 101 -5.33 -18.38 17.30
N ALA A 102 -5.77 -19.37 16.53
CA ALA A 102 -5.35 -20.75 16.81
C ALA A 102 -3.85 -20.87 16.54
N ALA A 103 -3.35 -20.09 15.58
CA ALA A 103 -1.94 -20.07 15.21
C ALA A 103 -1.10 -19.17 16.13
N ASN A 104 -1.70 -18.09 16.64
CA ASN A 104 -1.04 -17.18 17.59
C ASN A 104 -2.11 -16.73 18.59
N PRO A 105 -2.24 -17.45 19.72
CA PRO A 105 -3.25 -17.10 20.74
C PRO A 105 -3.23 -15.66 21.26
N GLN A 106 -2.07 -15.03 21.25
CA GLN A 106 -1.90 -13.64 21.69
C GLN A 106 -2.40 -12.64 20.65
N ALA A 107 -2.75 -13.09 19.44
CA ALA A 107 -3.19 -12.18 18.39
C ALA A 107 -4.53 -11.54 18.72
N LYS A 108 -4.69 -10.28 18.34
CA LYS A 108 -5.92 -9.52 18.65
C LYS A 108 -6.77 -9.15 17.46
N TYR A 109 -8.08 -9.18 17.65
CA TYR A 109 -8.97 -8.75 16.59
C TYR A 109 -9.39 -7.32 16.97
N PHE A 110 -9.09 -6.38 16.08
CA PHE A 110 -9.43 -4.99 16.26
C PHE A 110 -10.57 -4.77 15.27
N CYS A 111 -11.74 -4.39 15.76
CA CYS A 111 -12.85 -4.19 14.85
C CYS A 111 -13.22 -2.71 14.75
N ASP A 112 -13.11 -2.14 13.56
CA ASP A 112 -13.53 -0.76 13.36
C ASP A 112 -14.86 -1.02 12.68
N PRO A 113 -15.97 -0.89 13.41
CA PRO A 113 -17.32 -1.15 12.88
C PRO A 113 -17.90 -0.09 11.96
N VAL A 114 -17.24 0.13 10.84
CA VAL A 114 -17.67 1.10 9.87
C VAL A 114 -19.09 0.77 9.36
N MET A 115 -20.07 1.59 9.69
CA MET A 115 -21.43 1.30 9.26
C MET A 115 -21.92 2.25 8.19
N GLY A 116 -21.21 3.36 8.03
CA GLY A 116 -21.58 4.33 7.02
C GLY A 116 -22.89 5.05 7.25
N HIS A 117 -23.15 6.00 6.36
CA HIS A 117 -24.37 6.81 6.36
C HIS A 117 -24.82 6.82 4.90
N PRO A 118 -25.02 5.62 4.30
CA PRO A 118 -25.44 5.43 2.91
C PRO A 118 -26.52 6.38 2.41
N GLU A 119 -26.16 7.66 2.35
CA GLU A 119 -27.05 8.71 1.89
C GLU A 119 -26.21 9.98 1.81
N LYS A 120 -25.79 10.47 2.96
CA LYS A 120 -24.99 11.68 3.01
C LYS A 120 -23.54 11.39 3.35
N GLY A 121 -23.24 10.12 3.63
CA GLY A 121 -21.89 9.77 3.97
C GLY A 121 -21.30 8.53 3.30
N CYS A 122 -20.53 7.80 4.10
CA CYS A 122 -19.86 6.61 3.63
C CYS A 122 -20.86 5.53 3.16
N ILE A 123 -20.64 4.98 1.98
CA ILE A 123 -21.59 3.99 1.46
C ILE A 123 -21.22 2.55 1.75
N VAL A 124 -21.89 1.96 2.74
CA VAL A 124 -21.64 0.58 3.14
C VAL A 124 -22.84 -0.34 2.85
N ALA A 125 -22.55 -1.54 2.38
CA ALA A 125 -23.56 -2.54 2.06
C ALA A 125 -24.53 -2.82 3.22
N PRO A 126 -25.80 -3.14 2.91
CA PRO A 126 -26.85 -3.44 3.89
C PRO A 126 -26.46 -4.72 4.64
N GLY A 127 -26.74 -4.78 5.93
CA GLY A 127 -26.41 -5.99 6.65
C GLY A 127 -25.07 -5.96 7.35
N VAL A 128 -24.18 -5.05 6.96
CA VAL A 128 -22.88 -4.94 7.60
C VAL A 128 -23.05 -4.53 9.06
N ALA A 129 -23.88 -3.50 9.27
CA ALA A 129 -24.18 -2.97 10.61
C ALA A 129 -24.63 -4.10 11.50
N GLU A 130 -25.55 -4.89 10.98
CA GLU A 130 -26.11 -6.01 11.71
C GLU A 130 -24.99 -6.99 12.03
N PHE A 131 -24.09 -7.23 11.09
CA PHE A 131 -22.99 -8.15 11.38
C PHE A 131 -22.16 -7.66 12.57
N HIS A 132 -21.95 -6.35 12.65
CA HIS A 132 -21.14 -5.81 13.72
C HIS A 132 -21.78 -5.95 15.11
N VAL A 133 -23.06 -5.59 15.26
CA VAL A 133 -23.69 -5.70 16.57
C VAL A 133 -23.84 -7.16 17.00
N ARG A 134 -24.10 -8.03 16.03
CA ARG A 134 -24.27 -9.46 16.29
C ARG A 134 -22.99 -10.26 16.52
N HIS A 135 -22.00 -10.06 15.66
CA HIS A 135 -20.78 -10.86 15.78
C HIS A 135 -19.48 -10.09 15.99
N GLY A 136 -19.31 -9.02 15.21
CA GLY A 136 -18.10 -8.24 15.30
C GLY A 136 -17.80 -7.85 16.73
N LEU A 137 -18.82 -7.28 17.37
CA LEU A 137 -18.69 -6.82 18.73
C LEU A 137 -18.21 -7.90 19.69
N PRO A 138 -18.94 -9.02 19.81
CA PRO A 138 -18.47 -10.05 20.75
C PRO A 138 -17.16 -10.74 20.44
N ALA A 139 -16.77 -10.76 19.16
CA ALA A 139 -15.53 -11.41 18.76
C ALA A 139 -14.30 -10.50 18.93
N SER A 140 -14.55 -9.20 18.89
CA SER A 140 -13.48 -8.19 19.01
C SER A 140 -12.77 -8.05 20.37
N ASP A 141 -11.48 -7.73 20.32
CA ASP A 141 -10.66 -7.49 21.51
C ASP A 141 -10.54 -5.98 21.72
N ILE A 142 -10.62 -5.26 20.61
CA ILE A 142 -10.55 -3.81 20.60
C ILE A 142 -11.62 -3.41 19.58
N ILE A 143 -12.39 -2.39 19.89
CA ILE A 143 -13.42 -1.95 18.97
C ILE A 143 -13.41 -0.42 18.98
N ALA A 144 -13.48 0.17 17.79
CA ALA A 144 -13.40 1.63 17.62
C ALA A 144 -14.59 2.32 16.93
N PRO A 145 -15.76 2.30 17.55
CA PRO A 145 -16.88 2.94 16.89
C PRO A 145 -16.91 4.48 17.04
N ASN A 146 -17.56 5.16 16.10
CA ASN A 146 -17.72 6.60 16.23
C ASN A 146 -19.00 6.73 17.06
N LEU A 147 -19.52 7.95 17.20
CA LEU A 147 -20.70 8.16 18.02
C LEU A 147 -21.92 7.36 17.57
N VAL A 148 -22.26 7.46 16.28
CA VAL A 148 -23.40 6.70 15.77
C VAL A 148 -23.22 5.18 15.95
N GLU A 149 -22.03 4.67 15.67
CA GLU A 149 -21.76 3.23 15.79
C GLU A 149 -21.88 2.71 17.24
N LEU A 150 -21.50 3.56 18.20
CA LEU A 150 -21.55 3.25 19.61
C LEU A 150 -23.00 3.14 20.03
N GLU A 151 -23.81 4.12 19.62
CA GLU A 151 -25.21 4.07 19.97
C GLU A 151 -25.81 2.81 19.43
N ILE A 152 -25.48 2.49 18.20
CA ILE A 152 -26.03 1.29 17.61
C ILE A 152 -25.55 0.03 18.32
N LEU A 153 -24.27 -0.01 18.68
CA LEU A 153 -23.69 -1.16 19.34
C LEU A 153 -24.19 -1.43 20.77
N CYS A 154 -24.44 -0.37 21.55
CA CYS A 154 -24.93 -0.54 22.91
C CYS A 154 -26.48 -0.49 22.89
N GLU A 155 -27.07 -0.24 21.74
CA GLU A 155 -28.53 -0.19 21.61
C GLU A 155 -29.22 0.92 22.38
N HIS A 156 -28.60 2.08 22.49
CA HIS A 156 -29.24 3.21 23.15
C HIS A 156 -28.52 4.52 22.84
N ALA A 157 -29.22 5.63 23.01
CA ALA A 157 -28.62 6.94 22.76
C ALA A 157 -27.49 7.26 23.74
N VAL A 158 -26.53 8.07 23.30
CA VAL A 158 -25.42 8.51 24.15
C VAL A 158 -25.32 10.02 23.96
N ASN A 159 -25.50 10.77 25.04
CA ASN A 159 -25.53 12.23 24.93
C ASN A 159 -24.37 13.05 25.48
N ASN A 160 -23.50 12.45 26.26
CA ASN A 160 -22.35 13.18 26.79
C ASN A 160 -21.16 12.24 26.99
N VAL A 161 -20.06 12.78 27.52
CA VAL A 161 -18.85 11.99 27.73
C VAL A 161 -19.03 10.84 28.72
N GLU A 162 -19.74 11.09 29.82
CA GLU A 162 -19.95 10.06 30.81
C GLU A 162 -20.83 8.91 30.35
N GLU A 163 -21.82 9.20 29.51
CA GLU A 163 -22.71 8.13 29.02
C GLU A 163 -21.90 7.29 28.04
N ALA A 164 -21.01 7.97 27.31
CA ALA A 164 -20.14 7.32 26.35
C ALA A 164 -19.18 6.35 27.04
N VAL A 165 -18.54 6.78 28.14
CA VAL A 165 -17.62 5.91 28.86
C VAL A 165 -18.46 4.72 29.34
N LEU A 166 -19.68 5.02 29.76
CA LEU A 166 -20.61 4.02 30.22
C LEU A 166 -20.99 3.03 29.11
N ALA A 167 -21.38 3.56 27.94
CA ALA A 167 -21.75 2.69 26.83
C ALA A 167 -20.55 1.87 26.40
N ALA A 168 -19.37 2.48 26.41
CA ALA A 168 -18.15 1.75 26.05
C ALA A 168 -17.99 0.54 26.92
N ARG A 169 -18.24 0.72 28.22
CA ARG A 169 -18.10 -0.37 29.16
C ARG A 169 -19.17 -1.40 29.02
N GLU A 170 -20.31 -1.03 28.42
CA GLU A 170 -21.37 -2.01 28.18
C GLU A 170 -20.91 -2.90 27.03
N LEU A 171 -20.09 -2.34 26.15
CA LEU A 171 -19.54 -3.10 25.04
C LEU A 171 -18.45 -4.03 25.60
N ILE A 172 -17.60 -3.49 26.47
CA ILE A 172 -16.54 -4.30 27.07
C ILE A 172 -17.10 -5.56 27.74
N ALA A 173 -18.29 -5.44 28.33
CA ALA A 173 -18.97 -6.58 28.98
C ALA A 173 -19.37 -7.62 27.93
N GLN A 174 -19.43 -7.21 26.67
CA GLN A 174 -19.82 -8.08 25.56
C GLN A 174 -18.60 -8.80 24.99
N GLY A 175 -17.40 -8.30 25.26
CA GLY A 175 -16.21 -8.94 24.71
C GLY A 175 -14.88 -8.18 24.65
N PRO A 176 -14.77 -7.08 23.90
CA PRO A 176 -13.46 -6.39 23.86
C PRO A 176 -12.98 -5.87 25.21
N GLN A 177 -11.66 -5.67 25.33
CA GLN A 177 -11.11 -5.14 26.57
C GLN A 177 -10.82 -3.65 26.37
N ILE A 178 -10.81 -3.19 25.12
CA ILE A 178 -10.53 -1.80 24.86
C ILE A 178 -11.50 -1.16 23.88
N VAL A 179 -12.01 0.03 24.22
CA VAL A 179 -12.90 0.74 23.30
C VAL A 179 -12.40 2.13 22.95
N LEU A 180 -12.29 2.42 21.66
CA LEU A 180 -11.89 3.74 21.21
C LEU A 180 -13.13 4.39 20.54
N VAL A 181 -13.69 5.41 21.17
CA VAL A 181 -14.82 6.12 20.56
C VAL A 181 -14.05 7.11 19.67
N LYS A 182 -13.86 6.72 18.42
CA LYS A 182 -13.06 7.53 17.51
C LYS A 182 -13.47 8.95 17.15
N HIS A 183 -14.70 9.34 17.51
CA HIS A 183 -15.20 10.71 17.28
C HIS A 183 -16.46 10.89 18.13
N LEU A 184 -16.40 11.76 19.14
CA LEU A 184 -17.53 11.98 20.05
C LEU A 184 -18.65 12.82 19.44
N ALA A 185 -18.32 13.72 18.53
CA ALA A 185 -19.31 14.59 17.89
C ALA A 185 -20.16 15.34 18.92
N ARG A 186 -21.49 15.21 18.81
CA ARG A 186 -22.40 15.92 19.71
C ARG A 186 -22.32 15.47 21.17
N ALA A 187 -21.77 14.28 21.40
CA ALA A 187 -21.64 13.74 22.75
C ALA A 187 -20.40 14.24 23.51
N GLY A 188 -19.55 15.03 22.85
CA GLY A 188 -18.36 15.54 23.52
C GLY A 188 -18.61 16.84 24.25
N TYR A 189 -17.58 17.41 24.88
CA TYR A 189 -17.71 18.66 25.62
C TYR A 189 -18.11 19.83 24.72
N SER A 190 -17.65 19.80 23.48
CA SER A 190 -17.95 20.87 22.52
C SER A 190 -17.99 20.30 21.11
N ARG A 191 -18.82 20.87 20.26
CA ARG A 191 -18.88 20.39 18.87
C ARG A 191 -17.86 21.18 18.04
N ASP A 192 -17.15 22.10 18.70
CA ASP A 192 -16.14 22.91 18.03
C ASP A 192 -14.79 22.27 18.15
N ARG A 193 -14.74 21.04 18.64
CA ARG A 193 -13.47 20.34 18.79
C ARG A 193 -13.57 18.87 18.45
N PHE A 194 -12.47 18.31 17.97
CA PHE A 194 -12.49 16.90 17.64
C PHE A 194 -12.14 16.15 18.94
N GLU A 195 -13.07 15.32 19.39
CA GLU A 195 -12.88 14.56 20.63
C GLU A 195 -12.89 13.04 20.45
N MET A 196 -12.17 12.35 21.31
CA MET A 196 -12.17 10.90 21.27
C MET A 196 -12.10 10.37 22.69
N LEU A 197 -12.30 9.07 22.84
CA LEU A 197 -12.28 8.42 24.13
C LEU A 197 -11.63 7.06 23.97
N LEU A 198 -10.70 6.74 24.86
CA LEU A 198 -10.07 5.43 24.85
C LEU A 198 -10.52 4.88 26.22
N VAL A 199 -11.30 3.80 26.19
CA VAL A 199 -11.85 3.22 27.43
C VAL A 199 -11.56 1.75 27.69
N THR A 200 -11.40 1.42 28.97
CA THR A 200 -11.16 0.05 29.40
C THR A 200 -12.05 -0.11 30.63
N ALA A 201 -12.12 -1.32 31.17
CA ALA A 201 -12.92 -1.60 32.35
C ALA A 201 -12.53 -0.76 33.58
N ASP A 202 -11.23 -0.51 33.74
CA ASP A 202 -10.68 0.24 34.87
C ASP A 202 -10.44 1.73 34.64
N GLU A 203 -10.15 2.13 33.40
CA GLU A 203 -9.89 3.53 33.15
C GLU A 203 -10.43 4.04 31.83
N ALA A 204 -10.38 5.36 31.71
CA ALA A 204 -10.89 6.03 30.53
C ALA A 204 -10.13 7.34 30.36
N TRP A 205 -9.76 7.62 29.11
CA TRP A 205 -9.03 8.81 28.75
C TRP A 205 -9.74 9.64 27.69
N HIS A 206 -9.87 10.95 27.95
CA HIS A 206 -10.51 11.86 27.01
C HIS A 206 -9.47 12.78 26.41
N ILE A 207 -9.63 13.10 25.13
CA ILE A 207 -8.69 13.98 24.46
C ILE A 207 -9.38 14.82 23.39
N SER A 208 -8.85 16.01 23.14
CA SER A 208 -9.42 16.86 22.12
C SER A 208 -8.33 17.55 21.36
N ARG A 209 -8.70 18.07 20.19
CA ARG A 209 -7.81 18.78 19.29
C ARG A 209 -8.70 19.72 18.51
N PRO A 210 -8.12 20.78 17.93
CA PRO A 210 -8.93 21.71 17.14
C PRO A 210 -9.57 21.04 15.93
N LEU A 211 -10.70 21.57 15.47
CA LEU A 211 -11.33 21.05 14.27
C LEU A 211 -10.57 21.73 13.13
N VAL A 212 -10.57 21.12 11.95
CA VAL A 212 -9.92 21.70 10.77
C VAL A 212 -11.07 21.89 9.76
N ASP A 213 -11.37 23.13 9.40
CA ASP A 213 -12.48 23.45 8.51
C ASP A 213 -12.28 23.18 7.03
N PHE A 214 -13.04 22.22 6.51
CA PHE A 214 -12.97 21.85 5.10
C PHE A 214 -14.26 22.20 4.36
N GLY A 215 -15.11 23.00 5.02
CA GLY A 215 -16.39 23.42 4.45
C GLY A 215 -17.37 22.25 4.36
N MET A 216 -17.92 22.06 3.17
CA MET A 216 -18.86 20.98 2.95
C MET A 216 -18.15 19.68 2.61
N ARG A 217 -17.02 19.79 1.89
CA ARG A 217 -16.24 18.62 1.49
C ARG A 217 -15.25 18.14 2.56
N GLN A 218 -15.73 17.27 3.44
CA GLN A 218 -14.93 16.71 4.53
C GLN A 218 -14.14 15.47 4.08
N PRO A 219 -12.79 15.55 4.12
CA PRO A 219 -11.95 14.41 3.70
C PRO A 219 -12.32 13.07 4.34
N VAL A 220 -12.30 12.02 3.54
CA VAL A 220 -12.61 10.65 3.99
C VAL A 220 -11.34 9.92 4.50
N GLY A 221 -11.54 8.93 5.38
CA GLY A 221 -10.42 8.16 5.92
C GLY A 221 -9.79 8.52 7.26
N VAL A 222 -10.27 9.57 7.92
CA VAL A 222 -9.72 9.99 9.21
C VAL A 222 -9.87 8.88 10.27
N GLY A 223 -11.01 8.19 10.23
CA GLY A 223 -11.30 7.11 11.16
C GLY A 223 -10.46 5.90 10.86
N ASP A 224 -10.19 5.65 9.57
CA ASP A 224 -9.37 4.48 9.19
C ASP A 224 -7.92 4.63 9.66
N VAL A 225 -7.40 5.84 9.51
CA VAL A 225 -6.04 6.17 9.92
C VAL A 225 -5.93 6.12 11.43
N THR A 226 -6.93 6.66 12.11
CA THR A 226 -6.93 6.71 13.57
C THR A 226 -6.88 5.30 14.20
N SER A 227 -7.72 4.41 13.69
CA SER A 227 -7.77 3.04 14.19
C SER A 227 -6.46 2.29 13.95
N GLY A 228 -5.98 2.37 12.72
CA GLY A 228 -4.74 1.68 12.38
C GLY A 228 -3.57 2.12 13.23
N LEU A 229 -3.42 3.44 13.41
CA LEU A 229 -2.33 3.95 14.21
C LEU A 229 -2.52 3.53 15.67
N LEU A 230 -3.76 3.53 16.14
CA LEU A 230 -3.95 3.11 17.52
C LEU A 230 -3.53 1.65 17.69
N LEU A 231 -3.83 0.80 16.70
CA LEU A 231 -3.48 -0.60 16.80
C LEU A 231 -1.97 -0.76 16.84
N VAL A 232 -1.29 -0.05 15.94
CA VAL A 232 0.19 -0.10 15.88
C VAL A 232 0.84 0.34 17.19
N LYS A 233 0.36 1.46 17.72
CA LYS A 233 0.86 1.99 18.96
C LYS A 233 0.71 0.99 20.06
N LEU A 234 -0.50 0.44 20.19
CA LEU A 234 -0.76 -0.54 21.23
C LEU A 234 0.10 -1.80 21.09
N LEU A 235 0.17 -2.37 19.89
CA LEU A 235 0.97 -3.57 19.64
C LEU A 235 2.44 -3.33 19.97
N GLN A 236 2.93 -2.11 19.72
CA GLN A 236 4.33 -1.91 20.03
C GLN A 236 4.64 -1.43 21.45
N GLY A 237 3.73 -1.69 22.37
CA GLY A 237 3.95 -1.37 23.77
C GLY A 237 3.56 -0.03 24.37
N ALA A 238 2.94 0.87 23.61
CA ALA A 238 2.54 2.18 24.16
C ALA A 238 1.49 2.06 25.26
N THR A 239 1.51 2.99 26.21
CA THR A 239 0.46 3.02 27.26
C THR A 239 -0.80 3.59 26.56
N LEU A 240 -1.94 3.45 27.22
CA LEU A 240 -3.17 3.98 26.67
C LEU A 240 -2.94 5.48 26.40
N GLN A 241 -2.43 6.21 27.39
CA GLN A 241 -2.19 7.65 27.24
C GLN A 241 -1.24 8.00 26.08
N GLU A 242 -0.17 7.20 25.93
CA GLU A 242 0.82 7.40 24.88
C GLU A 242 0.20 7.11 23.51
N ALA A 243 -0.49 5.99 23.43
CA ALA A 243 -1.14 5.61 22.20
C ALA A 243 -2.09 6.73 21.76
N LEU A 244 -2.97 7.16 22.68
CA LEU A 244 -3.95 8.19 22.34
C LEU A 244 -3.33 9.54 21.99
N GLU A 245 -2.29 9.94 22.72
CA GLU A 245 -1.68 11.23 22.43
C GLU A 245 -0.98 11.23 21.08
N HIS A 246 -0.23 10.17 20.77
CA HIS A 246 0.44 10.12 19.48
C HIS A 246 -0.56 10.06 18.32
N VAL A 247 -1.54 9.16 18.40
CA VAL A 247 -2.52 9.05 17.31
C VAL A 247 -3.29 10.35 17.04
N THR A 248 -3.66 11.07 18.10
CA THR A 248 -4.40 12.33 17.97
C THR A 248 -3.57 13.43 17.32
N ALA A 249 -2.31 13.52 17.74
CA ALA A 249 -1.44 14.53 17.18
C ALA A 249 -1.15 14.22 15.72
N ALA A 250 -0.83 12.96 15.44
CA ALA A 250 -0.50 12.53 14.08
C ALA A 250 -1.63 12.76 13.08
N VAL A 251 -2.85 12.35 13.44
CA VAL A 251 -3.99 12.53 12.54
C VAL A 251 -4.20 14.05 12.27
N TYR A 252 -4.03 14.84 13.32
CA TYR A 252 -4.18 16.29 13.22
C TYR A 252 -3.20 16.88 12.17
N GLU A 253 -1.96 16.38 12.14
CA GLU A 253 -0.93 16.84 11.18
C GLU A 253 -1.37 16.55 9.76
N ILE A 254 -1.92 15.35 9.58
CA ILE A 254 -2.40 14.95 8.27
C ILE A 254 -3.49 15.94 7.82
N MET A 255 -4.39 16.28 8.74
CA MET A 255 -5.49 17.22 8.49
C MET A 255 -5.00 18.64 8.15
N VAL A 256 -4.02 19.16 8.90
CA VAL A 256 -3.57 20.51 8.59
C VAL A 256 -2.84 20.58 7.25
N THR A 257 -2.16 19.50 6.86
CA THR A 257 -1.46 19.48 5.59
C THR A 257 -2.49 19.33 4.47
N THR A 258 -3.56 18.61 4.76
CA THR A 258 -4.60 18.41 3.76
C THR A 258 -5.24 19.76 3.47
N LYS A 259 -5.48 20.55 4.52
CA LYS A 259 -6.08 21.85 4.37
C LYS A 259 -5.14 22.81 3.65
N ALA A 260 -3.90 22.91 4.14
CA ALA A 260 -2.92 23.79 3.54
C ALA A 260 -2.76 23.57 2.04
N MET A 261 -2.96 22.32 1.60
CA MET A 261 -2.84 21.94 0.20
C MET A 261 -4.17 22.07 -0.52
N GLN A 262 -5.21 22.45 0.22
CA GLN A 262 -6.54 22.61 -0.35
C GLN A 262 -6.97 21.32 -1.06
N GLU A 263 -6.66 20.19 -0.42
CA GLU A 263 -6.99 18.88 -0.95
C GLU A 263 -8.27 18.31 -0.34
N TYR A 264 -8.94 17.44 -1.09
CA TYR A 264 -10.13 16.79 -0.62
C TYR A 264 -9.69 15.39 -0.13
N GLU A 265 -8.58 14.90 -0.68
CA GLU A 265 -8.08 13.60 -0.27
C GLU A 265 -7.06 13.79 0.86
N LEU A 266 -7.23 13.01 1.94
CA LEU A 266 -6.33 13.02 3.08
C LEU A 266 -4.90 12.85 2.55
N GLN A 267 -4.04 13.81 2.87
CA GLN A 267 -2.65 13.79 2.42
C GLN A 267 -1.73 12.99 3.34
N VAL A 268 -2.01 11.70 3.45
CA VAL A 268 -1.24 10.79 4.31
C VAL A 268 0.22 10.68 3.93
N VAL A 269 0.53 11.00 2.67
CA VAL A 269 1.89 10.94 2.16
C VAL A 269 2.65 12.26 2.36
N ALA A 270 2.04 13.38 1.97
CA ALA A 270 2.68 14.67 2.15
C ALA A 270 3.07 14.90 3.62
N ALA A 271 2.21 14.50 4.56
CA ALA A 271 2.50 14.72 5.96
C ALA A 271 3.23 13.58 6.69
N GLN A 272 3.78 12.63 5.94
CA GLN A 272 4.47 11.48 6.54
C GLN A 272 5.48 11.77 7.67
N ASP A 273 6.27 12.84 7.56
CA ASP A 273 7.22 13.08 8.66
C ASP A 273 6.56 13.52 9.94
N ARG A 274 5.42 14.20 9.84
CA ARG A 274 4.79 14.66 11.06
C ARG A 274 3.86 13.60 11.64
N ILE A 275 3.78 12.46 10.94
CA ILE A 275 2.99 11.33 11.38
C ILE A 275 3.93 10.63 12.38
N ALA A 276 5.19 10.40 11.97
CA ALA A 276 6.15 9.73 12.88
C ALA A 276 6.58 10.69 13.99
N LYS A 277 6.73 11.96 13.64
CA LYS A 277 7.12 12.97 14.62
C LYS A 277 6.23 14.22 14.56
N PRO A 278 5.03 14.15 15.13
CA PRO A 278 4.08 15.26 15.16
C PRO A 278 4.70 16.49 15.83
N GLU A 279 4.35 17.67 15.35
CA GLU A 279 4.89 18.92 15.90
C GLU A 279 3.88 19.63 16.80
N HIS A 280 2.73 19.00 16.98
CA HIS A 280 1.68 19.50 17.82
C HIS A 280 1.53 18.52 19.01
N TYR A 281 1.16 19.06 20.16
CA TYR A 281 0.98 18.31 21.39
C TYR A 281 -0.45 18.44 21.93
N PHE A 282 -1.13 17.31 22.10
CA PHE A 282 -2.48 17.27 22.64
C PHE A 282 -2.46 16.33 23.83
N SER A 283 -2.84 16.88 24.98
CA SER A 283 -2.83 16.17 26.25
C SER A 283 -4.12 15.41 26.53
N ALA A 284 -3.96 14.15 26.89
CA ALA A 284 -5.07 13.27 27.21
C ALA A 284 -5.41 13.44 28.69
N THR A 285 -6.69 13.36 29.03
CA THR A 285 -7.14 13.51 30.42
C THR A 285 -7.69 12.18 30.94
N LYS A 286 -7.25 11.77 32.12
CA LYS A 286 -7.76 10.53 32.69
C LYS A 286 -9.01 10.90 33.47
N LEU A 287 -10.14 10.31 33.09
CA LEU A 287 -11.42 10.58 33.74
C LEU A 287 -11.53 9.95 35.12
N MET B 1 4.04 20.15 -5.22
CA MET B 1 3.61 19.62 -6.54
C MET B 1 4.05 18.17 -6.71
N MET B 2 3.53 17.33 -5.83
CA MET B 2 3.82 15.89 -5.81
C MET B 2 3.46 15.15 -7.09
N LYS B 3 4.32 14.20 -7.44
CA LYS B 3 4.11 13.42 -8.63
C LYS B 3 3.15 12.26 -8.39
N ASN B 4 2.32 11.98 -9.39
CA ASN B 4 1.33 10.92 -9.28
C ASN B 4 1.59 9.81 -10.29
N ILE B 5 1.74 8.60 -9.77
CA ILE B 5 2.03 7.45 -10.63
C ILE B 5 0.94 6.38 -10.50
N LEU B 6 0.38 5.98 -11.64
CA LEU B 6 -0.64 4.94 -11.65
C LEU B 6 0.16 3.66 -11.89
N ALA B 7 0.41 2.93 -10.80
CA ALA B 7 1.19 1.70 -10.88
C ALA B 7 0.28 0.49 -11.05
N ILE B 8 0.44 -0.18 -12.18
CA ILE B 8 -0.38 -1.34 -12.49
C ILE B 8 0.45 -2.59 -12.47
N GLN B 9 0.42 -3.27 -11.34
CA GLN B 9 1.15 -4.51 -11.15
C GLN B 9 0.58 -5.28 -9.97
N SER B 10 1.15 -6.46 -9.73
CA SER B 10 0.72 -7.35 -8.67
C SER B 10 0.66 -6.76 -7.26
N HIS B 11 -0.07 -7.47 -6.42
CA HIS B 11 -0.19 -7.15 -5.00
C HIS B 11 -0.24 -8.49 -4.23
N VAL B 12 0.62 -8.63 -3.21
CA VAL B 12 0.59 -9.81 -2.36
C VAL B 12 0.17 -9.33 -0.98
N VAL B 13 -0.71 -10.08 -0.33
CA VAL B 13 -1.18 -9.70 1.01
C VAL B 13 -0.03 -9.91 1.99
N TYR B 14 0.59 -11.09 1.99
CA TYR B 14 1.75 -11.32 2.86
C TYR B 14 3.02 -11.03 2.03
N GLY B 15 4.04 -10.45 2.65
CA GLY B 15 5.28 -10.21 1.91
C GLY B 15 5.29 -9.01 0.99
N HIS B 16 6.30 -8.93 0.12
CA HIS B 16 6.46 -7.82 -0.83
C HIS B 16 6.90 -8.31 -2.22
N ALA B 17 6.26 -7.73 -3.25
CA ALA B 17 6.52 -8.04 -4.66
C ALA B 17 5.60 -7.11 -5.44
N GLY B 18 6.05 -6.63 -6.58
CA GLY B 18 5.23 -5.72 -7.35
C GLY B 18 4.88 -4.49 -6.54
N ASN B 19 3.60 -4.11 -6.56
CA ASN B 19 3.09 -2.95 -5.80
C ASN B 19 3.30 -3.14 -4.30
N SER B 20 3.22 -4.39 -3.85
CA SER B 20 3.41 -4.64 -2.43
C SER B 20 4.84 -4.33 -2.00
N ALA B 21 5.76 -4.34 -2.98
CA ALA B 21 7.16 -4.04 -2.71
C ALA B 21 7.47 -2.59 -3.10
N ALA B 22 6.92 -2.17 -4.23
CA ALA B 22 7.19 -0.84 -4.73
C ALA B 22 6.45 0.37 -4.13
N GLU B 23 5.16 0.23 -3.84
CA GLU B 23 4.39 1.34 -3.33
C GLU B 23 4.94 2.11 -2.15
N PHE B 24 5.19 1.42 -1.04
CA PHE B 24 5.69 2.09 0.14
C PHE B 24 6.99 2.86 -0.12
N PRO B 25 8.05 2.18 -0.63
CA PRO B 25 9.30 2.90 -0.89
C PRO B 25 9.08 4.16 -1.75
N MET B 26 8.19 4.06 -2.75
CA MET B 26 7.91 5.22 -3.63
C MET B 26 7.23 6.36 -2.88
N ARG B 27 6.36 6.02 -1.95
CA ARG B 27 5.68 7.03 -1.17
C ARG B 27 6.65 7.65 -0.14
N ARG B 28 7.57 6.83 0.37
CA ARG B 28 8.55 7.32 1.33
C ARG B 28 9.43 8.36 0.65
N LEU B 29 9.52 8.29 -0.67
CA LEU B 29 10.28 9.29 -1.38
C LEU B 29 9.43 10.51 -1.74
N GLY B 30 8.20 10.55 -1.24
CA GLY B 30 7.37 11.72 -1.51
C GLY B 30 6.52 11.77 -2.78
N ALA B 31 6.30 10.62 -3.38
CA ALA B 31 5.47 10.59 -4.58
C ALA B 31 4.18 9.85 -4.29
N ASN B 32 3.12 10.19 -5.02
CA ASN B 32 1.84 9.51 -4.87
C ASN B 32 1.82 8.30 -5.78
N VAL B 33 1.24 7.23 -5.28
CA VAL B 33 1.11 6.01 -6.02
C VAL B 33 -0.36 5.58 -6.03
N TRP B 34 -0.92 5.41 -7.22
CA TRP B 34 -2.29 4.93 -7.33
C TRP B 34 -2.11 3.45 -7.65
N PRO B 35 -2.20 2.58 -6.64
CA PRO B 35 -1.99 1.17 -6.96
C PRO B 35 -3.17 0.44 -7.58
N LEU B 36 -3.11 0.21 -8.88
CA LEU B 36 -4.14 -0.55 -9.57
C LEU B 36 -3.59 -1.99 -9.60
N ASN B 37 -3.95 -2.79 -8.60
CA ASN B 37 -3.47 -4.16 -8.49
C ASN B 37 -3.94 -5.13 -9.59
N THR B 38 -3.00 -5.84 -10.22
CA THR B 38 -3.30 -6.79 -11.30
C THR B 38 -3.75 -8.16 -10.79
N VAL B 39 -3.41 -8.45 -9.55
CA VAL B 39 -3.79 -9.72 -8.93
C VAL B 39 -3.78 -9.43 -7.44
N GLN B 40 -4.40 -10.32 -6.67
CA GLN B 40 -4.31 -10.21 -5.23
C GLN B 40 -3.99 -11.63 -4.83
N PHE B 41 -2.71 -11.87 -4.56
CA PHE B 41 -2.21 -13.18 -4.15
C PHE B 41 -1.88 -13.22 -2.65
N SER B 42 -1.94 -14.41 -2.05
CA SER B 42 -1.64 -14.52 -0.64
C SER B 42 -0.16 -14.18 -0.37
N ASN B 43 0.71 -14.52 -1.31
CA ASN B 43 2.14 -14.27 -1.14
C ASN B 43 2.70 -14.35 -2.55
N HIS B 44 4.01 -14.13 -2.72
CA HIS B 44 4.56 -14.18 -4.07
C HIS B 44 4.83 -15.63 -4.56
N THR B 45 5.03 -15.78 -5.88
CA THR B 45 5.24 -17.10 -6.51
C THR B 45 6.54 -17.86 -6.21
N GLN B 46 7.56 -17.20 -5.69
CA GLN B 46 8.80 -17.92 -5.40
C GLN B 46 8.60 -18.94 -4.27
N TYR B 47 7.48 -18.84 -3.55
CA TYR B 47 7.22 -19.78 -2.45
C TYR B 47 6.85 -21.14 -3.00
N GLY B 48 6.48 -21.17 -4.28
CA GLY B 48 6.08 -22.41 -4.91
C GLY B 48 4.60 -22.69 -4.73
N LYS B 49 3.87 -21.75 -4.13
CA LYS B 49 2.44 -21.90 -3.90
C LYS B 49 1.84 -20.59 -3.42
N TRP B 50 0.56 -20.38 -3.69
CA TRP B 50 -0.09 -19.14 -3.33
C TRP B 50 -1.55 -19.19 -3.76
N THR B 51 -2.39 -18.49 -3.01
CA THR B 51 -3.78 -18.47 -3.33
C THR B 51 -4.11 -17.08 -3.86
N GLY B 52 -5.38 -16.82 -4.19
CA GLY B 52 -5.74 -15.51 -4.71
C GLY B 52 -6.26 -15.56 -6.12
N CYS B 53 -6.36 -14.41 -6.77
CA CYS B 53 -6.92 -14.31 -8.11
C CYS B 53 -6.30 -13.22 -9.01
N VAL B 54 -6.56 -13.33 -10.30
CA VAL B 54 -6.08 -12.35 -11.27
C VAL B 54 -7.21 -11.38 -11.55
N MET B 55 -6.96 -10.08 -11.44
CA MET B 55 -8.05 -9.14 -11.71
C MET B 55 -8.36 -9.28 -13.19
N PRO B 56 -9.65 -9.34 -13.53
CA PRO B 56 -9.94 -9.47 -14.96
C PRO B 56 -9.49 -8.22 -15.70
N PRO B 57 -8.98 -8.40 -16.92
CA PRO B 57 -8.52 -7.25 -17.71
C PRO B 57 -9.50 -6.07 -17.75
N SER B 58 -10.78 -6.35 -17.98
CA SER B 58 -11.80 -5.30 -18.06
C SER B 58 -11.93 -4.49 -16.74
N HIS B 59 -11.59 -5.12 -15.62
CA HIS B 59 -11.63 -4.44 -14.32
C HIS B 59 -10.66 -3.25 -14.35
N LEU B 60 -9.45 -3.51 -14.85
CA LEU B 60 -8.42 -2.47 -14.93
C LEU B 60 -8.89 -1.28 -15.78
N THR B 61 -9.58 -1.56 -16.89
CA THR B 61 -10.10 -0.50 -17.77
C THR B 61 -11.17 0.28 -17.01
N GLU B 62 -12.06 -0.45 -16.33
CA GLU B 62 -13.15 0.15 -15.56
C GLU B 62 -12.65 1.04 -14.44
N ILE B 63 -11.51 0.67 -13.84
CA ILE B 63 -10.96 1.46 -12.75
C ILE B 63 -10.56 2.86 -13.24
N VAL B 64 -9.87 2.90 -14.38
CA VAL B 64 -9.41 4.17 -14.89
C VAL B 64 -10.56 5.05 -15.40
N GLN B 65 -11.62 4.44 -15.93
CA GLN B 65 -12.77 5.22 -16.37
C GLN B 65 -13.35 5.89 -15.13
N GLY B 66 -13.31 5.19 -14.01
CA GLY B 66 -13.79 5.78 -12.78
C GLY B 66 -12.93 6.96 -12.39
N ILE B 67 -11.62 6.82 -12.52
CA ILE B 67 -10.75 7.93 -12.14
C ILE B 67 -11.00 9.12 -13.07
N ALA B 68 -11.24 8.82 -14.35
CA ALA B 68 -11.55 9.89 -15.31
C ALA B 68 -12.89 10.51 -14.89
N ALA B 69 -13.84 9.65 -14.52
CA ALA B 69 -15.15 10.07 -14.10
C ALA B 69 -15.12 11.15 -13.02
N ILE B 70 -14.07 11.16 -12.18
CA ILE B 70 -13.99 12.19 -11.15
C ILE B 70 -13.02 13.31 -11.52
N ASP B 71 -12.70 13.38 -12.81
CA ASP B 71 -11.80 14.40 -13.37
C ASP B 71 -10.38 14.44 -12.76
N LYS B 72 -9.75 13.29 -12.58
CA LYS B 72 -8.42 13.28 -12.01
C LYS B 72 -7.36 12.65 -12.89
N LEU B 73 -7.78 11.99 -13.97
CA LEU B 73 -6.82 11.32 -14.86
C LEU B 73 -5.76 12.26 -15.35
N HIS B 74 -6.12 13.52 -15.53
CA HIS B 74 -5.15 14.48 -16.04
C HIS B 74 -4.05 14.78 -15.04
N THR B 75 -4.24 14.41 -13.78
CA THR B 75 -3.19 14.68 -12.79
C THR B 75 -2.10 13.57 -12.78
N CYS B 76 -2.35 12.47 -13.49
CA CYS B 76 -1.42 11.36 -13.55
C CYS B 76 -0.18 11.77 -14.38
N ASP B 77 1.01 11.58 -13.82
CA ASP B 77 2.24 11.94 -14.52
C ASP B 77 2.85 10.76 -15.24
N ALA B 78 2.55 9.55 -14.77
CA ALA B 78 3.09 8.35 -15.40
C ALA B 78 2.30 7.10 -15.11
N VAL B 79 2.36 6.17 -16.06
CA VAL B 79 1.72 4.89 -15.89
C VAL B 79 2.88 3.90 -15.82
N LEU B 80 2.98 3.14 -14.72
CA LEU B 80 4.02 2.11 -14.65
C LEU B 80 3.29 0.77 -14.60
N SER B 81 3.78 -0.21 -15.34
CA SER B 81 3.16 -1.52 -15.29
C SER B 81 4.33 -2.44 -15.01
N GLY B 82 4.04 -3.57 -14.39
CA GLY B 82 5.07 -4.54 -14.07
C GLY B 82 4.49 -5.92 -14.27
N TYR B 83 4.47 -6.71 -13.20
CA TYR B 83 3.92 -8.07 -13.26
C TYR B 83 2.45 -8.06 -13.62
N LEU B 84 2.12 -8.81 -14.68
CA LEU B 84 0.74 -8.93 -15.16
C LEU B 84 0.27 -10.35 -14.87
N GLY B 85 -1.00 -10.50 -14.53
CA GLY B 85 -1.52 -11.82 -14.24
C GLY B 85 -1.92 -12.60 -15.48
N SER B 86 -1.95 -11.92 -16.62
CA SER B 86 -2.30 -12.58 -17.87
C SER B 86 -1.94 -11.65 -19.00
N ALA B 87 -1.82 -12.21 -20.20
CA ALA B 87 -1.46 -11.43 -21.38
C ALA B 87 -2.54 -10.42 -21.80
N GLU B 88 -3.81 -10.77 -21.60
CA GLU B 88 -4.91 -9.91 -21.98
C GLU B 88 -4.94 -8.60 -21.20
N GLN B 89 -4.32 -8.61 -20.03
CA GLN B 89 -4.25 -7.41 -19.20
C GLN B 89 -3.40 -6.39 -19.94
N GLY B 90 -2.32 -6.89 -20.55
CA GLY B 90 -1.41 -6.04 -21.30
C GLY B 90 -2.14 -5.13 -22.26
N GLU B 91 -3.01 -5.72 -23.08
CA GLU B 91 -3.78 -4.97 -24.07
C GLU B 91 -4.60 -3.85 -23.43
N HIS B 92 -5.26 -4.16 -22.32
CA HIS B 92 -6.06 -3.13 -21.67
C HIS B 92 -5.16 -2.08 -21.04
N ILE B 93 -4.00 -2.50 -20.55
CA ILE B 93 -3.07 -1.53 -19.98
C ILE B 93 -2.67 -0.52 -21.07
N LEU B 94 -2.50 -0.96 -22.31
CA LEU B 94 -2.14 -0.01 -23.36
C LEU B 94 -3.30 0.96 -23.65
N GLY B 95 -4.54 0.48 -23.52
CA GLY B 95 -5.68 1.38 -23.73
C GLY B 95 -5.67 2.43 -22.62
N ILE B 96 -5.25 2.02 -21.43
CA ILE B 96 -5.17 2.91 -20.28
C ILE B 96 -4.14 4.01 -20.53
N VAL B 97 -2.96 3.60 -21.02
CA VAL B 97 -1.90 4.54 -21.33
C VAL B 97 -2.40 5.54 -22.37
N ARG B 98 -3.18 5.03 -23.34
CA ARG B 98 -3.75 5.89 -24.38
C ARG B 98 -4.71 6.90 -23.76
N GLN B 99 -5.51 6.45 -22.79
CA GLN B 99 -6.45 7.34 -22.16
C GLN B 99 -5.69 8.32 -21.29
N VAL B 100 -4.73 7.82 -20.52
CA VAL B 100 -3.96 8.72 -19.68
C VAL B 100 -3.25 9.81 -20.50
N LYS B 101 -2.73 9.43 -21.66
CA LYS B 101 -2.04 10.41 -22.46
C LYS B 101 -3.02 11.36 -23.14
N ALA B 102 -4.26 10.92 -23.34
CA ALA B 102 -5.24 11.79 -23.96
C ALA B 102 -5.56 12.89 -22.95
N ALA B 103 -5.52 12.54 -21.67
CA ALA B 103 -5.79 13.49 -20.57
C ALA B 103 -4.56 14.29 -20.19
N ASN B 104 -3.38 13.74 -20.43
CA ASN B 104 -2.10 14.44 -20.18
C ASN B 104 -1.03 13.91 -21.13
N PRO B 105 -0.81 14.61 -22.27
CA PRO B 105 0.18 14.25 -23.29
C PRO B 105 1.65 14.21 -22.83
N GLN B 106 1.89 14.62 -21.60
CA GLN B 106 3.23 14.59 -21.06
C GLN B 106 3.41 13.37 -20.18
N ALA B 107 2.32 12.67 -19.92
CA ALA B 107 2.39 11.48 -19.10
C ALA B 107 3.34 10.53 -19.82
N LYS B 108 4.07 9.74 -19.05
CA LYS B 108 5.04 8.79 -19.58
C LYS B 108 4.60 7.36 -19.28
N TYR B 109 4.93 6.42 -20.15
CA TYR B 109 4.56 5.04 -19.86
C TYR B 109 5.83 4.30 -19.46
N PHE B 110 5.85 3.77 -18.24
CA PHE B 110 7.00 3.04 -17.75
C PHE B 110 6.67 1.57 -17.76
N CYS B 111 7.31 0.83 -18.66
CA CYS B 111 7.07 -0.59 -18.77
C CYS B 111 8.18 -1.44 -18.14
N ASP B 112 7.87 -2.16 -17.08
CA ASP B 112 8.84 -3.05 -16.47
C ASP B 112 8.33 -4.39 -17.02
N PRO B 113 9.00 -4.91 -18.05
CA PRO B 113 8.65 -6.17 -18.72
C PRO B 113 8.93 -7.42 -17.92
N VAL B 114 8.20 -7.57 -16.83
CA VAL B 114 8.40 -8.72 -15.97
C VAL B 114 8.05 -9.99 -16.67
N MET B 115 9.07 -10.75 -17.07
CA MET B 115 8.82 -12.02 -17.74
C MET B 115 9.10 -13.12 -16.72
N GLY B 116 8.62 -14.33 -17.02
CA GLY B 116 8.83 -15.42 -16.09
C GLY B 116 10.22 -16.01 -16.14
N HIS B 117 10.82 -16.16 -14.97
CA HIS B 117 12.16 -16.76 -14.82
C HIS B 117 11.97 -17.85 -13.77
N PRO B 118 11.34 -18.96 -14.18
CA PRO B 118 11.05 -20.12 -13.32
C PRO B 118 12.19 -20.60 -12.44
N GLU B 119 13.42 -20.53 -12.93
CA GLU B 119 14.57 -20.97 -12.15
C GLU B 119 14.83 -20.02 -11.00
N LYS B 120 14.71 -18.72 -11.26
CA LYS B 120 14.92 -17.71 -10.23
C LYS B 120 13.70 -17.72 -9.31
N GLY B 121 12.65 -18.41 -9.75
CA GLY B 121 11.42 -18.52 -8.96
C GLY B 121 10.24 -17.62 -9.33
N CYS B 122 10.35 -16.82 -10.39
CA CYS B 122 9.24 -15.97 -10.76
C CYS B 122 8.33 -16.61 -11.78
N ILE B 123 7.08 -16.86 -11.41
CA ILE B 123 6.17 -17.48 -12.34
C ILE B 123 5.23 -16.44 -12.96
N VAL B 124 5.33 -16.30 -14.28
CA VAL B 124 4.52 -15.36 -15.05
C VAL B 124 3.71 -16.20 -16.07
N ALA B 125 2.47 -15.80 -16.31
CA ALA B 125 1.61 -16.51 -17.24
C ALA B 125 2.08 -16.51 -18.69
N PRO B 126 1.68 -17.53 -19.46
CA PRO B 126 2.05 -17.65 -20.87
C PRO B 126 1.44 -16.50 -21.68
N GLY B 127 2.20 -16.02 -22.66
CA GLY B 127 1.72 -14.93 -23.50
C GLY B 127 2.18 -13.56 -23.06
N VAL B 128 2.48 -13.41 -21.77
CA VAL B 128 2.93 -12.12 -21.23
C VAL B 128 4.21 -11.60 -21.86
N ALA B 129 5.17 -12.48 -22.13
CA ALA B 129 6.43 -12.06 -22.73
C ALA B 129 6.22 -11.55 -24.16
N GLU B 130 5.45 -12.30 -24.94
CA GLU B 130 5.18 -11.92 -26.31
C GLU B 130 4.51 -10.56 -26.32
N PHE B 131 3.68 -10.29 -25.31
CA PHE B 131 3.01 -8.99 -25.22
C PHE B 131 4.04 -7.86 -25.07
N HIS B 132 5.01 -8.06 -24.19
CA HIS B 132 6.02 -7.01 -24.00
C HIS B 132 6.79 -6.81 -25.27
N VAL B 133 7.22 -7.91 -25.87
CA VAL B 133 7.98 -7.82 -27.09
C VAL B 133 7.24 -7.10 -28.21
N ARG B 134 6.03 -7.54 -28.54
CA ARG B 134 5.34 -6.92 -29.65
C ARG B 134 4.42 -5.72 -29.43
N HIS B 135 4.01 -5.45 -28.20
CA HIS B 135 3.12 -4.32 -27.94
C HIS B 135 3.60 -3.37 -26.84
N GLY B 136 4.08 -3.94 -25.74
CA GLY B 136 4.57 -3.14 -24.65
C GLY B 136 5.77 -2.29 -25.03
N LEU B 137 6.82 -2.95 -25.51
CA LEU B 137 8.02 -2.24 -25.91
C LEU B 137 7.73 -1.01 -26.79
N PRO B 138 7.07 -1.21 -27.94
CA PRO B 138 6.78 -0.06 -28.81
C PRO B 138 6.00 1.08 -28.17
N ALA B 139 5.13 0.73 -27.22
CA ALA B 139 4.32 1.75 -26.57
C ALA B 139 4.99 2.46 -25.41
N SER B 140 6.08 1.90 -24.89
CA SER B 140 6.74 2.51 -23.75
C SER B 140 7.69 3.69 -24.00
N ASP B 141 7.79 4.58 -23.01
CA ASP B 141 8.70 5.72 -23.04
C ASP B 141 9.95 5.40 -22.22
N ILE B 142 9.80 4.47 -21.29
CA ILE B 142 10.89 4.02 -20.44
C ILE B 142 10.69 2.51 -20.29
N ILE B 143 11.76 1.74 -20.41
CA ILE B 143 11.62 0.30 -20.29
C ILE B 143 12.76 -0.23 -19.40
N ALA B 144 12.45 -1.22 -18.56
CA ALA B 144 13.45 -1.71 -17.60
C ALA B 144 13.63 -3.23 -17.50
N PRO B 145 14.19 -3.85 -18.54
CA PRO B 145 14.40 -5.29 -18.51
C PRO B 145 15.64 -5.73 -17.76
N ASN B 146 15.62 -6.93 -17.23
CA ASN B 146 16.83 -7.45 -16.63
C ASN B 146 17.54 -7.99 -17.87
N LEU B 147 18.68 -8.65 -17.69
CA LEU B 147 19.44 -9.18 -18.84
C LEU B 147 18.64 -10.15 -19.71
N VAL B 148 17.94 -11.08 -19.09
CA VAL B 148 17.16 -12.07 -19.84
C VAL B 148 16.14 -11.37 -20.73
N GLU B 149 15.36 -10.49 -20.11
CA GLU B 149 14.33 -9.75 -20.82
C GLU B 149 14.89 -8.91 -21.96
N LEU B 150 16.10 -8.39 -21.78
CA LEU B 150 16.74 -7.59 -22.81
C LEU B 150 16.90 -8.49 -24.03
N GLU B 151 17.44 -9.67 -23.83
CA GLU B 151 17.63 -10.60 -24.91
C GLU B 151 16.28 -10.93 -25.58
N ILE B 152 15.29 -11.25 -24.76
CA ILE B 152 13.98 -11.52 -25.32
C ILE B 152 13.43 -10.32 -26.13
N LEU B 153 13.64 -9.10 -25.67
CA LEU B 153 13.12 -7.92 -26.37
C LEU B 153 13.84 -7.52 -27.66
N CYS B 154 15.17 -7.58 -27.66
CA CYS B 154 15.95 -7.22 -28.85
C CYS B 154 16.02 -8.48 -29.74
N GLU B 155 15.57 -9.59 -29.18
CA GLU B 155 15.54 -10.88 -29.84
C GLU B 155 16.87 -11.53 -30.16
N HIS B 156 17.90 -11.16 -29.40
CA HIS B 156 19.22 -11.74 -29.58
C HIS B 156 20.09 -11.67 -28.31
N ALA B 157 21.02 -12.61 -28.18
CA ALA B 157 21.90 -12.65 -27.01
C ALA B 157 22.74 -11.37 -26.84
N VAL B 158 23.13 -11.11 -25.58
CA VAL B 158 23.94 -9.94 -25.21
C VAL B 158 24.98 -10.51 -24.25
N ASN B 159 26.25 -10.22 -24.49
CA ASN B 159 27.27 -10.81 -23.65
C ASN B 159 28.24 -9.88 -22.95
N ASN B 160 28.05 -8.59 -23.13
CA ASN B 160 28.89 -7.62 -22.47
C ASN B 160 28.18 -6.30 -22.38
N VAL B 161 28.83 -5.35 -21.72
CA VAL B 161 28.27 -4.02 -21.53
C VAL B 161 28.03 -3.33 -22.86
N GLU B 162 29.03 -3.43 -23.74
CA GLU B 162 28.99 -2.82 -25.05
C GLU B 162 27.77 -3.32 -25.82
N GLU B 163 27.53 -4.63 -25.76
CA GLU B 163 26.40 -5.21 -26.45
C GLU B 163 25.10 -4.81 -25.76
N ALA B 164 25.16 -4.61 -24.44
CA ALA B 164 23.97 -4.21 -23.70
C ALA B 164 23.61 -2.78 -24.07
N VAL B 165 24.59 -1.90 -24.09
CA VAL B 165 24.36 -0.51 -24.47
C VAL B 165 23.80 -0.47 -25.89
N LEU B 166 24.26 -1.39 -26.73
CA LEU B 166 23.79 -1.47 -28.11
C LEU B 166 22.36 -2.02 -28.19
N ALA B 167 22.13 -3.16 -27.53
CA ALA B 167 20.81 -3.80 -27.50
C ALA B 167 19.76 -2.84 -26.95
N ALA B 168 20.15 -2.09 -25.93
CA ALA B 168 19.25 -1.12 -25.32
C ALA B 168 18.85 -0.14 -26.41
N ARG B 169 19.83 0.34 -27.17
CA ARG B 169 19.54 1.29 -28.23
C ARG B 169 18.66 0.71 -29.34
N GLU B 170 18.67 -0.62 -29.48
CA GLU B 170 17.81 -1.27 -30.45
C GLU B 170 16.36 -1.08 -29.96
N LEU B 171 16.18 -1.09 -28.65
CA LEU B 171 14.85 -0.91 -28.08
C LEU B 171 14.48 0.56 -28.16
N ILE B 172 15.43 1.43 -27.82
CA ILE B 172 15.15 2.85 -27.88
C ILE B 172 14.63 3.17 -29.26
N ALA B 173 15.20 2.50 -30.26
CA ALA B 173 14.82 2.71 -31.66
C ALA B 173 13.36 2.34 -31.89
N GLN B 174 12.85 1.40 -31.09
CA GLN B 174 11.47 0.99 -31.26
C GLN B 174 10.48 1.77 -30.42
N GLY B 175 10.94 2.83 -29.75
CA GLY B 175 10.01 3.61 -28.96
C GLY B 175 10.50 4.21 -27.66
N PRO B 176 10.91 3.41 -26.65
CA PRO B 176 11.36 4.04 -25.40
C PRO B 176 12.54 4.99 -25.59
N GLN B 177 12.55 6.07 -24.82
CA GLN B 177 13.64 7.03 -24.91
C GLN B 177 14.70 6.67 -23.87
N ILE B 178 14.28 5.95 -22.83
CA ILE B 178 15.20 5.53 -21.77
C ILE B 178 15.08 4.03 -21.49
N VAL B 179 16.22 3.37 -21.35
CA VAL B 179 16.26 1.95 -21.06
C VAL B 179 17.08 1.70 -19.81
N LEU B 180 16.48 0.97 -18.88
CA LEU B 180 17.15 0.61 -17.65
C LEU B 180 17.34 -0.88 -17.75
N VAL B 181 18.60 -1.34 -17.82
CA VAL B 181 18.84 -2.77 -17.84
C VAL B 181 19.06 -2.98 -16.35
N LYS B 182 18.00 -3.35 -15.66
CA LYS B 182 18.03 -3.53 -14.21
C LYS B 182 18.84 -4.69 -13.62
N HIS B 183 19.69 -5.33 -14.43
CA HIS B 183 20.56 -6.44 -13.96
C HIS B 183 21.34 -7.03 -15.11
N LEU B 184 22.63 -6.70 -15.20
CA LEU B 184 23.49 -7.16 -16.29
C LEU B 184 23.89 -8.62 -16.21
N ALA B 185 24.23 -9.06 -15.00
CA ALA B 185 24.62 -10.44 -14.76
C ALA B 185 25.94 -10.78 -15.44
N ARG B 186 25.92 -11.79 -16.28
CA ARG B 186 27.13 -12.23 -16.99
C ARG B 186 27.66 -11.19 -17.96
N ALA B 187 26.79 -10.27 -18.38
CA ALA B 187 27.16 -9.21 -19.31
C ALA B 187 27.84 -7.99 -18.70
N GLY B 188 28.06 -7.99 -17.38
CA GLY B 188 28.70 -6.84 -16.77
C GLY B 188 30.21 -6.93 -16.72
N TYR B 189 30.87 -5.84 -16.30
CA TYR B 189 32.33 -5.81 -16.20
C TYR B 189 32.83 -6.87 -15.21
N SER B 190 32.08 -7.02 -14.13
CA SER B 190 32.42 -8.01 -13.10
C SER B 190 31.12 -8.74 -12.77
N ARG B 191 31.19 -10.07 -12.72
CA ARG B 191 30.00 -10.85 -12.38
C ARG B 191 29.97 -11.03 -10.86
N ASP B 192 31.00 -10.52 -10.18
CA ASP B 192 31.06 -10.63 -8.73
C ASP B 192 30.38 -9.49 -7.97
N ARG B 193 29.62 -8.65 -8.67
CA ARG B 193 28.89 -7.57 -8.03
C ARG B 193 27.55 -7.37 -8.76
N PHE B 194 26.72 -6.44 -8.28
CA PHE B 194 25.42 -6.17 -8.93
C PHE B 194 25.58 -4.98 -9.87
N GLU B 195 25.25 -5.18 -11.14
CA GLU B 195 25.39 -4.10 -12.12
C GLU B 195 24.12 -3.72 -12.86
N MET B 196 23.99 -2.43 -13.12
CA MET B 196 22.83 -1.89 -13.81
C MET B 196 23.31 -0.94 -14.90
N LEU B 197 22.41 -0.56 -15.80
CA LEU B 197 22.73 0.32 -16.91
C LEU B 197 21.55 1.22 -17.24
N LEU B 198 21.81 2.50 -17.42
CA LEU B 198 20.75 3.44 -17.73
C LEU B 198 21.21 4.10 -19.02
N VAL B 199 20.52 3.75 -20.11
CA VAL B 199 20.87 4.22 -21.46
C VAL B 199 19.83 5.07 -22.18
N THR B 200 20.30 6.11 -22.86
CA THR B 200 19.45 6.96 -23.70
C THR B 200 20.14 6.89 -25.07
N ALA B 201 19.61 7.61 -26.05
CA ALA B 201 20.20 7.63 -27.39
C ALA B 201 21.61 8.23 -27.38
N ASP B 202 21.79 9.36 -26.70
CA ASP B 202 23.10 10.00 -26.66
C ASP B 202 24.02 9.66 -25.47
N GLU B 203 23.46 9.25 -24.33
CA GLU B 203 24.31 8.92 -23.19
C GLU B 203 24.08 7.54 -22.58
N ALA B 204 24.94 7.17 -21.65
CA ALA B 204 24.85 5.87 -21.02
C ALA B 204 25.65 5.86 -19.72
N TRP B 205 24.98 5.50 -18.62
CA TRP B 205 25.60 5.46 -17.29
C TRP B 205 25.59 4.06 -16.72
N HIS B 206 26.68 3.74 -16.02
CA HIS B 206 26.89 2.42 -15.42
C HIS B 206 26.96 2.51 -13.90
N ILE B 207 26.34 1.57 -13.20
CA ILE B 207 26.43 1.58 -11.75
C ILE B 207 26.48 0.16 -11.25
N SER B 208 27.04 -0.01 -10.05
CA SER B 208 27.17 -1.34 -9.47
C SER B 208 27.18 -1.24 -7.95
N ARG B 209 26.82 -2.34 -7.32
CA ARG B 209 26.77 -2.42 -5.86
C ARG B 209 27.10 -3.87 -5.52
N PRO B 210 27.45 -4.14 -4.27
CA PRO B 210 27.76 -5.54 -3.99
C PRO B 210 26.57 -6.50 -3.96
N LEU B 211 26.81 -7.73 -4.42
CA LEU B 211 25.79 -8.77 -4.38
C LEU B 211 25.61 -9.12 -2.90
N VAL B 212 24.38 -9.43 -2.48
CA VAL B 212 24.16 -9.77 -1.08
C VAL B 212 23.85 -11.28 -1.00
N ASP B 213 24.72 -12.01 -0.31
CA ASP B 213 24.57 -13.45 -0.18
C ASP B 213 23.28 -13.90 0.48
N PHE B 214 22.31 -14.35 -0.32
CA PHE B 214 21.05 -14.84 0.22
C PHE B 214 20.90 -16.35 0.02
N GLY B 215 21.91 -16.95 -0.60
CA GLY B 215 21.92 -18.40 -0.84
C GLY B 215 20.87 -18.86 -1.84
N MET B 216 20.36 -20.08 -1.65
CA MET B 216 19.37 -20.65 -2.55
C MET B 216 17.98 -20.02 -2.50
N ARG B 217 17.90 -18.72 -2.18
CA ARG B 217 16.60 -18.07 -2.10
C ARG B 217 16.65 -16.54 -2.10
N GLN B 218 16.98 -15.94 -3.24
CA GLN B 218 17.05 -14.48 -3.34
C GLN B 218 15.67 -13.83 -3.12
N PRO B 219 15.62 -12.72 -2.38
CA PRO B 219 14.35 -12.03 -2.12
C PRO B 219 13.70 -11.41 -3.36
N VAL B 220 12.42 -11.70 -3.52
CA VAL B 220 11.62 -11.18 -4.60
C VAL B 220 11.39 -9.67 -4.46
N GLY B 221 11.28 -8.96 -5.59
CA GLY B 221 11.00 -7.54 -5.57
C GLY B 221 12.08 -6.50 -5.75
N VAL B 222 13.34 -6.90 -5.76
CA VAL B 222 14.41 -5.92 -5.91
C VAL B 222 14.16 -5.05 -7.14
N GLY B 223 13.85 -5.72 -8.25
CA GLY B 223 13.58 -5.04 -9.52
C GLY B 223 12.30 -4.19 -9.52
N ASP B 224 11.28 -4.56 -8.74
CA ASP B 224 10.09 -3.72 -8.71
C ASP B 224 10.39 -2.42 -7.95
N VAL B 225 11.16 -2.53 -6.87
CA VAL B 225 11.57 -1.35 -6.08
C VAL B 225 12.41 -0.44 -6.96
N THR B 226 13.40 -1.04 -7.60
CA THR B 226 14.33 -0.34 -8.48
C THR B 226 13.60 0.48 -9.54
N SER B 227 12.62 -0.15 -10.19
CA SER B 227 11.84 0.50 -11.22
C SER B 227 10.97 1.61 -10.66
N GLY B 228 10.31 1.33 -9.54
CA GLY B 228 9.44 2.30 -8.92
C GLY B 228 10.17 3.56 -8.51
N LEU B 229 11.29 3.35 -7.83
CA LEU B 229 12.13 4.44 -7.34
C LEU B 229 12.76 5.24 -8.48
N LEU B 230 13.15 4.56 -9.56
CA LEU B 230 13.74 5.26 -10.70
C LEU B 230 12.70 6.20 -11.30
N LEU B 231 11.50 5.68 -11.58
CA LEU B 231 10.45 6.53 -12.16
C LEU B 231 10.20 7.73 -11.26
N VAL B 232 10.17 7.51 -9.95
CA VAL B 232 9.95 8.60 -9.01
C VAL B 232 11.05 9.65 -9.12
N LYS B 233 12.32 9.23 -9.06
CA LYS B 233 13.42 10.18 -9.17
C LYS B 233 13.38 11.01 -10.47
N LEU B 234 13.18 10.35 -11.60
CA LEU B 234 13.14 11.05 -12.87
C LEU B 234 11.99 12.07 -12.93
N LEU B 235 10.80 11.67 -12.50
CA LEU B 235 9.64 12.55 -12.48
C LEU B 235 9.87 13.73 -11.57
N GLN B 236 10.70 13.54 -10.56
CA GLN B 236 11.00 14.63 -9.64
C GLN B 236 12.09 15.58 -10.17
N GLY B 237 12.63 15.30 -11.35
CA GLY B 237 13.68 16.16 -11.89
C GLY B 237 15.12 15.71 -11.67
N ALA B 238 15.32 14.52 -11.10
CA ALA B 238 16.68 14.02 -10.89
C ALA B 238 17.33 13.76 -12.22
N THR B 239 18.63 14.05 -12.30
CA THR B 239 19.39 13.79 -13.51
C THR B 239 19.54 12.27 -13.59
N LEU B 240 19.90 11.78 -14.77
CA LEU B 240 20.13 10.35 -14.99
C LEU B 240 21.10 9.81 -13.94
N GLN B 241 22.18 10.54 -13.68
CA GLN B 241 23.17 10.12 -12.68
C GLN B 241 22.61 10.07 -11.25
N GLU B 242 21.97 11.16 -10.84
CA GLU B 242 21.36 11.30 -9.52
C GLU B 242 20.32 10.20 -9.27
N ALA B 243 19.51 9.92 -10.29
CA ALA B 243 18.47 8.91 -10.19
C ALA B 243 19.06 7.54 -9.94
N LEU B 244 20.03 7.18 -10.78
CA LEU B 244 20.72 5.89 -10.72
C LEU B 244 21.43 5.70 -9.38
N GLU B 245 22.13 6.73 -8.91
CA GLU B 245 22.85 6.62 -7.66
C GLU B 245 21.94 6.51 -6.44
N HIS B 246 20.88 7.31 -6.40
CA HIS B 246 20.00 7.23 -5.25
C HIS B 246 19.33 5.88 -5.22
N VAL B 247 18.84 5.44 -6.38
CA VAL B 247 18.13 4.18 -6.49
C VAL B 247 19.02 2.98 -6.11
N THR B 248 20.25 2.98 -6.59
CA THR B 248 21.17 1.89 -6.29
C THR B 248 21.45 1.78 -4.80
N ALA B 249 21.73 2.90 -4.17
CA ALA B 249 22.03 2.92 -2.75
C ALA B 249 20.80 2.53 -1.89
N ALA B 250 19.64 3.11 -2.20
CA ALA B 250 18.43 2.79 -1.45
C ALA B 250 18.15 1.28 -1.47
N VAL B 251 18.19 0.66 -2.66
CA VAL B 251 17.93 -0.78 -2.75
C VAL B 251 18.96 -1.60 -1.96
N TYR B 252 20.22 -1.20 -2.03
CA TYR B 252 21.25 -1.91 -1.28
C TYR B 252 20.87 -1.85 0.19
N GLU B 253 20.47 -0.66 0.67
CA GLU B 253 20.05 -0.48 2.07
C GLU B 253 18.96 -1.49 2.45
N ILE B 254 17.94 -1.63 1.61
CA ILE B 254 16.86 -2.58 1.88
C ILE B 254 17.46 -3.99 1.92
N MET B 255 18.43 -4.22 1.05
CA MET B 255 19.15 -5.49 0.91
C MET B 255 19.86 -5.90 2.21
N VAL B 256 20.75 -5.05 2.70
CA VAL B 256 21.47 -5.37 3.94
C VAL B 256 20.56 -5.52 5.16
N THR B 257 19.52 -4.71 5.26
CA THR B 257 18.61 -4.83 6.39
C THR B 257 17.94 -6.19 6.32
N THR B 258 17.42 -6.54 5.14
CA THR B 258 16.76 -7.84 4.96
C THR B 258 17.63 -9.01 5.39
N LYS B 259 18.93 -8.92 5.09
CA LYS B 259 19.83 -10.01 5.45
C LYS B 259 20.19 -9.98 6.91
N ALA B 260 20.32 -8.79 7.46
CA ALA B 260 20.69 -8.66 8.87
C ALA B 260 19.59 -9.24 9.73
N MET B 261 18.35 -9.08 9.26
CA MET B 261 17.19 -9.56 10.00
C MET B 261 16.94 -11.01 9.69
N GLN B 262 17.80 -11.59 8.88
CA GLN B 262 17.67 -12.99 8.51
C GLN B 262 16.26 -13.21 7.98
N GLU B 263 15.85 -12.32 7.08
CA GLU B 263 14.54 -12.42 6.47
C GLU B 263 14.65 -12.75 4.99
N TYR B 264 13.62 -13.42 4.49
CA TYR B 264 13.51 -13.82 3.11
C TYR B 264 12.74 -12.73 2.35
N GLU B 265 11.78 -12.11 3.02
CA GLU B 265 11.01 -11.03 2.41
C GLU B 265 11.78 -9.72 2.52
N LEU B 266 11.82 -8.99 1.42
CA LEU B 266 12.51 -7.72 1.33
C LEU B 266 11.94 -6.80 2.42
N GLN B 267 12.84 -6.27 3.25
CA GLN B 267 12.42 -5.43 4.36
C GLN B 267 12.26 -3.94 4.02
N VAL B 268 11.35 -3.64 3.11
CA VAL B 268 11.11 -2.26 2.71
C VAL B 268 10.70 -1.37 3.90
N VAL B 269 9.90 -1.89 4.83
CA VAL B 269 9.51 -1.04 5.98
C VAL B 269 10.63 -0.76 6.97
N ALA B 270 11.30 -1.82 7.44
CA ALA B 270 12.39 -1.64 8.41
C ALA B 270 13.52 -0.72 7.92
N ALA B 271 13.77 -0.73 6.61
CA ALA B 271 14.83 0.09 6.04
C ALA B 271 14.35 1.44 5.48
N GLN B 272 13.12 1.81 5.82
CA GLN B 272 12.54 3.05 5.27
C GLN B 272 13.34 4.36 5.39
N ASP B 273 14.03 4.58 6.50
CA ASP B 273 14.79 5.83 6.64
C ASP B 273 15.99 5.89 5.73
N ARG B 274 16.50 4.71 5.35
CA ARG B 274 17.66 4.63 4.47
C ARG B 274 17.28 4.51 3.00
N ILE B 275 15.98 4.51 2.71
CA ILE B 275 15.49 4.48 1.34
C ILE B 275 15.48 5.97 1.03
N ALA B 276 15.01 6.75 1.99
CA ALA B 276 14.94 8.20 1.81
C ALA B 276 16.31 8.83 1.88
N LYS B 277 17.12 8.39 2.84
CA LYS B 277 18.47 8.93 2.96
C LYS B 277 19.42 7.76 3.20
N PRO B 278 19.80 7.04 2.14
CA PRO B 278 20.72 5.91 2.33
C PRO B 278 22.06 6.34 2.92
N GLU B 279 22.74 5.43 3.63
CA GLU B 279 24.01 5.79 4.23
C GLU B 279 25.23 5.34 3.41
N HIS B 280 25.00 4.41 2.49
CA HIS B 280 26.05 3.88 1.62
C HIS B 280 26.09 4.73 0.36
N TYR B 281 27.29 4.92 -0.19
CA TYR B 281 27.46 5.71 -1.41
C TYR B 281 28.01 4.84 -2.51
N PHE B 282 27.34 4.86 -3.65
CA PHE B 282 27.76 4.10 -4.83
C PHE B 282 27.88 5.06 -6.00
N SER B 283 29.01 5.01 -6.68
CA SER B 283 29.28 5.89 -7.79
C SER B 283 28.92 5.35 -9.16
N ALA B 284 28.25 6.19 -9.94
CA ALA B 284 27.88 5.87 -11.31
C ALA B 284 29.07 6.28 -12.22
N THR B 285 29.16 5.65 -13.38
CA THR B 285 30.22 5.94 -14.33
C THR B 285 29.62 6.22 -15.71
N LYS B 286 29.91 7.39 -16.26
CA LYS B 286 29.40 7.75 -17.60
C LYS B 286 30.28 7.07 -18.64
N LEU B 287 29.71 6.12 -19.38
CA LEU B 287 30.45 5.37 -20.39
C LEU B 287 30.80 6.15 -21.66
#